data_3B1V
#
_entry.id   3B1V
#
_cell.length_a   49.200
_cell.length_b   82.700
_cell.length_c   150.900
_cell.angle_alpha   90.00
_cell.angle_beta   90.00
_cell.angle_gamma   90.00
#
_symmetry.space_group_name_H-M   'C 2 2 21'
#
loop_
_entity.id
_entity.type
_entity.pdbx_description
1 polymer 'Ferrous iron uptake transporter protein B'
2 non-polymer "3'-O-(N-methylanthraniloyl)-beta:gamma-imidoguanosine-5'-triphosphate"
3 non-polymer 'MAGNESIUM ION'
4 non-polymer 'CHLORIDE ION'
5 water water
#
_entity_poly.entity_id   1
_entity_poly.type   'polypeptide(L)'
_entity_poly.pdbx_seq_one_letter_code
;GSMTEIALIGNPNSGKTSLFNLITGHNQRVGNWPGVTVERKSGLVKKNKDLEIQDLPGIYSMSPYSPEAKVARDYLLSQR
ADSILNVVDATNLERNLYLTTQLIETGIPVTIALNMIDVLDGQGKKINVDKLSYHLGVPVVATSALKQTGVDQVVKKAAH
TTTSTVGDLAFPIYDDRLEAAISQILEVLGNSVPQRSARFYAIKLFEQDSLVEAELDLSQFQRKEIEDIIRITEEIFTED
AESIVINERYAFIERVCQMAESHTEDFALTLS
;
_entity_poly.pdbx_strand_id   A
#
loop_
_chem_comp.id
_chem_comp.type
_chem_comp.name
_chem_comp.formula
CL non-polymer 'CHLORIDE ION' 'Cl -1'
GGM non-polymer 3'-O-(N-methylanthraniloyl)-beta:gamma-imidoguanosine-5'-triphosphate 'C18 H24 N7 O14 P3'
MG non-polymer 'MAGNESIUM ION' 'Mg 2'
#
# COMPACT_ATOMS: atom_id res chain seq x y z
N MET A 3 13.22 -16.45 -9.02
CA MET A 3 14.06 -15.43 -8.31
C MET A 3 13.18 -14.48 -7.47
N THR A 4 13.79 -13.46 -6.85
CA THR A 4 13.06 -12.50 -6.00
C THR A 4 12.33 -11.45 -6.86
N GLU A 5 11.01 -11.39 -6.72
CA GLU A 5 10.14 -10.45 -7.45
C GLU A 5 9.82 -9.19 -6.63
N ILE A 6 10.19 -8.02 -7.19
CA ILE A 6 9.98 -6.70 -6.61
C ILE A 6 8.94 -5.97 -7.46
N ALA A 7 7.83 -5.54 -6.87
CA ALA A 7 6.77 -4.83 -7.59
C ALA A 7 6.82 -3.32 -7.34
N LEU A 8 6.87 -2.53 -8.42
CA LEU A 8 6.79 -1.07 -8.33
C LEU A 8 5.33 -0.67 -8.29
N ILE A 9 4.88 -0.16 -7.13
CA ILE A 9 3.50 0.20 -6.89
C ILE A 9 3.37 1.61 -6.37
N GLY A 10 2.45 2.37 -6.93
CA GLY A 10 2.33 3.78 -6.54
C GLY A 10 1.39 4.51 -7.45
N ASN A 11 1.00 5.73 -7.06
CA ASN A 11 0.06 6.53 -7.82
C ASN A 11 0.65 6.78 -9.22
N PRO A 12 -0.21 7.00 -10.23
CA PRO A 12 0.39 7.42 -11.50
C PRO A 12 1.15 8.74 -11.36
N ASN A 13 2.12 8.93 -12.25
CA ASN A 13 2.92 10.14 -12.31
C ASN A 13 3.76 10.34 -11.03
N SER A 14 4.23 9.24 -10.45
CA SER A 14 5.10 9.29 -9.25
C SER A 14 6.57 8.96 -9.51
N GLY A 15 6.90 8.56 -10.75
CA GLY A 15 8.27 8.23 -11.14
C GLY A 15 8.60 6.75 -11.16
N LYS A 16 7.59 5.88 -11.18
CA LYS A 16 7.84 4.44 -11.19
C LYS A 16 8.69 3.99 -12.37
N THR A 17 8.28 4.31 -13.58
CA THR A 17 9.01 3.89 -14.78
C THR A 17 10.40 4.55 -14.88
N SER A 18 10.51 5.80 -14.45
CA SER A 18 11.79 6.49 -14.38
C SER A 18 12.79 5.72 -13.50
N LEU A 19 12.31 5.24 -12.33
CA LEU A 19 13.13 4.42 -11.46
C LEU A 19 13.46 3.07 -12.10
N PHE A 20 12.45 2.43 -12.70
CA PHE A 20 12.61 1.17 -13.39
C PHE A 20 13.72 1.26 -14.44
N ASN A 21 13.71 2.34 -15.21
CA ASN A 21 14.72 2.53 -16.27
C ASN A 21 16.13 2.62 -15.70
N LEU A 22 16.27 3.36 -14.61
CA LEU A 22 17.56 3.48 -13.94
C LEU A 22 18.02 2.16 -13.37
N ILE A 23 17.09 1.40 -12.79
CA ILE A 23 17.38 0.15 -12.12
C ILE A 23 17.76 -0.98 -13.07
N THR A 24 17.11 -1.00 -14.23
CA THR A 24 17.24 -2.11 -15.19
C THR A 24 18.05 -1.81 -16.44
N GLY A 25 18.25 -0.53 -16.76
CA GLY A 25 18.89 -0.12 -18.01
C GLY A 25 17.94 0.03 -19.20
N HIS A 26 16.67 -0.30 -19.01
CA HIS A 26 15.65 -0.16 -20.05
C HIS A 26 15.34 1.32 -20.34
N ASN A 27 14.60 1.55 -21.40
CA ASN A 27 14.12 2.90 -21.78
C ASN A 27 12.61 2.84 -22.02
N GLN A 28 11.87 2.34 -21.03
CA GLN A 28 10.42 2.27 -21.10
C GLN A 28 9.81 3.67 -21.09
N ARG A 29 8.57 3.78 -21.57
CA ARG A 29 7.88 5.07 -21.67
C ARG A 29 7.67 5.78 -20.36
N VAL A 30 8.22 7.00 -20.32
CA VAL A 30 8.11 7.97 -19.24
C VAL A 30 7.45 9.23 -19.80
N GLY A 31 6.50 9.79 -19.07
CA GLY A 31 5.73 10.96 -19.54
C GLY A 31 5.24 11.83 -18.39
N ASN A 32 4.96 13.10 -18.67
CA ASN A 32 4.58 14.07 -17.63
C ASN A 32 3.08 14.15 -17.33
N TRP A 33 2.36 13.04 -17.46
CA TRP A 33 0.94 13.00 -17.11
C TRP A 33 0.63 11.63 -16.51
N PRO A 34 -0.45 11.54 -15.72
CA PRO A 34 -0.80 10.24 -15.13
C PRO A 34 -1.41 9.30 -16.15
N GLY A 35 -0.97 8.05 -16.14
CA GLY A 35 -1.52 7.00 -17.00
C GLY A 35 -0.66 6.69 -18.21
N VAL A 36 0.66 6.79 -18.07
CA VAL A 36 1.57 6.45 -19.16
C VAL A 36 1.72 4.95 -19.30
N THR A 37 2.12 4.26 -18.22
CA THR A 37 2.30 2.81 -18.29
C THR A 37 0.94 2.11 -18.25
N VAL A 38 0.72 1.12 -19.11
CA VAL A 38 -0.57 0.46 -19.20
C VAL A 38 -0.53 -1.04 -19.08
N GLU A 39 0.67 -1.62 -18.98
CA GLU A 39 0.81 -3.05 -18.81
C GLU A 39 2.09 -3.31 -18.01
N ARG A 40 2.20 -4.53 -17.52
CA ARG A 40 3.36 -4.98 -16.76
C ARG A 40 4.60 -5.09 -17.66
N LYS A 41 5.74 -4.64 -17.14
CA LYS A 41 7.03 -4.86 -17.78
C LYS A 41 7.99 -5.38 -16.73
N SER A 42 8.62 -6.53 -17.03
CA SER A 42 9.67 -7.09 -16.19
C SER A 42 11.08 -6.71 -16.65
N GLY A 43 12.02 -6.79 -15.72
CA GLY A 43 13.42 -6.60 -16.03
C GLY A 43 14.27 -7.05 -14.86
N LEU A 44 15.54 -7.29 -15.12
CA LEU A 44 16.47 -7.66 -14.05
C LEU A 44 17.12 -6.40 -13.49
N VAL A 45 17.36 -6.41 -12.18
CA VAL A 45 18.11 -5.34 -11.52
C VAL A 45 19.55 -5.49 -11.97
N LYS A 46 20.13 -4.43 -12.53
CA LYS A 46 21.48 -4.46 -13.09
C LYS A 46 22.58 -4.75 -12.07
N LYS A 47 22.46 -4.15 -10.89
CA LYS A 47 23.49 -4.29 -9.84
C LYS A 47 23.33 -5.58 -9.03
N ASN A 48 22.28 -6.35 -9.32
CA ASN A 48 22.05 -7.62 -8.66
C ASN A 48 21.08 -8.43 -9.51
N LYS A 49 21.63 -9.30 -10.34
CA LYS A 49 20.84 -10.05 -11.30
C LYS A 49 19.89 -11.09 -10.68
N ASP A 50 20.04 -11.41 -9.39
CA ASP A 50 19.09 -12.27 -8.66
C ASP A 50 17.72 -11.60 -8.37
N LEU A 51 17.55 -10.33 -8.74
CA LEU A 51 16.32 -9.59 -8.46
C LEU A 51 15.63 -9.29 -9.79
N GLU A 52 14.33 -9.59 -9.87
CA GLU A 52 13.51 -9.21 -11.03
C GLU A 52 12.52 -8.16 -10.55
N ILE A 53 12.45 -7.04 -11.25
CA ILE A 53 11.56 -5.95 -10.85
C ILE A 53 10.45 -5.80 -11.91
N GLN A 54 9.26 -5.41 -11.45
CA GLN A 54 8.07 -5.31 -12.28
C GLN A 54 7.53 -3.88 -12.25
N ASP A 55 7.57 -3.23 -13.39
CA ASP A 55 6.93 -1.92 -13.58
C ASP A 55 5.47 -2.21 -13.86
N LEU A 56 4.60 -1.38 -13.30
CA LEU A 56 3.18 -1.62 -13.38
C LEU A 56 2.47 -0.29 -13.53
N PRO A 57 1.25 -0.32 -14.08
CA PRO A 57 0.46 0.91 -14.14
C PRO A 57 0.24 1.52 -12.75
N GLY A 58 0.16 2.84 -12.73
CA GLY A 58 -0.19 3.55 -11.53
C GLY A 58 -1.57 3.24 -10.99
N ILE A 59 -1.71 3.45 -9.69
CA ILE A 59 -2.89 3.05 -8.93
C ILE A 59 -3.06 3.98 -7.75
N TYR A 60 -4.29 4.45 -7.55
CA TYR A 60 -4.64 5.36 -6.45
C TYR A 60 -5.19 4.63 -5.21
N SER A 61 -5.86 3.50 -5.45
N SER A 61 -5.85 3.49 -5.42
CA SER A 61 -6.46 2.72 -4.39
CA SER A 61 -6.33 2.70 -4.31
C SER A 61 -6.57 1.26 -4.81
C SER A 61 -6.56 1.28 -4.79
N MET A 62 -6.53 0.36 -3.83
CA MET A 62 -6.73 -1.06 -4.10
C MET A 62 -8.21 -1.46 -4.34
N SER A 63 -9.09 -0.47 -4.36
CA SER A 63 -10.42 -0.53 -5.01
C SER A 63 -10.34 0.38 -6.24
N PRO A 64 -9.73 -0.12 -7.34
CA PRO A 64 -9.22 0.79 -8.38
C PRO A 64 -10.26 1.46 -9.26
N TYR A 65 -9.85 2.57 -9.87
CA TYR A 65 -10.71 3.44 -10.66
C TYR A 65 -10.59 3.26 -12.17
N SER A 66 -9.65 2.42 -12.62
CA SER A 66 -9.45 2.17 -14.04
C SER A 66 -8.98 0.74 -14.25
N PRO A 67 -9.19 0.18 -15.46
CA PRO A 67 -8.64 -1.13 -15.82
C PRO A 67 -7.11 -1.23 -15.69
N GLU A 68 -6.42 -0.13 -15.96
CA GLU A 68 -4.97 -0.09 -15.96
C GLU A 68 -4.48 -0.27 -14.53
N ALA A 69 -5.03 0.53 -13.62
CA ALA A 69 -4.75 0.37 -12.19
C ALA A 69 -5.09 -1.04 -11.70
N LYS A 70 -6.16 -1.64 -12.22
CA LYS A 70 -6.51 -3.01 -11.79
C LYS A 70 -5.41 -4.05 -12.12
N VAL A 71 -4.60 -3.79 -13.16
CA VAL A 71 -3.48 -4.67 -13.46
C VAL A 71 -2.48 -4.69 -12.29
N ALA A 72 -2.23 -3.51 -11.70
CA ALA A 72 -1.31 -3.45 -10.54
C ALA A 72 -1.91 -4.20 -9.34
N ARG A 73 -3.19 -3.98 -9.10
CA ARG A 73 -3.89 -4.59 -7.95
C ARG A 73 -3.88 -6.12 -8.07
N ASP A 74 -4.22 -6.61 -9.26
CA ASP A 74 -4.31 -8.04 -9.48
C ASP A 74 -2.96 -8.72 -9.44
N TYR A 75 -1.90 -8.05 -9.91
CA TYR A 75 -0.54 -8.56 -9.75
C TYR A 75 -0.23 -8.79 -8.28
N LEU A 76 -0.56 -7.82 -7.42
CA LEU A 76 -0.23 -7.98 -6.00
C LEU A 76 -1.05 -9.08 -5.35
N LEU A 77 -2.34 -9.16 -5.68
CA LEU A 77 -3.21 -10.13 -5.02
C LEU A 77 -3.05 -11.54 -5.63
N SER A 78 -2.29 -11.68 -6.72
CA SER A 78 -1.97 -12.99 -7.27
C SER A 78 -0.87 -13.69 -6.44
N GLN A 79 -0.28 -12.96 -5.49
CA GLN A 79 0.75 -13.45 -4.59
C GLN A 79 2.10 -13.73 -5.29
N ARG A 80 2.37 -13.06 -6.42
CA ARG A 80 3.63 -13.26 -7.16
C ARG A 80 4.80 -12.44 -6.61
N ALA A 81 4.51 -11.29 -6.02
CA ALA A 81 5.54 -10.40 -5.51
C ALA A 81 6.10 -10.86 -4.15
N ASP A 82 7.41 -10.73 -3.96
CA ASP A 82 8.07 -10.98 -2.67
C ASP A 82 8.23 -9.66 -1.88
N SER A 83 8.22 -8.55 -2.61
CA SER A 83 8.43 -7.22 -2.07
C SER A 83 7.64 -6.20 -2.86
N ILE A 84 7.06 -5.23 -2.17
CA ILE A 84 6.44 -4.06 -2.77
C ILE A 84 7.43 -2.92 -2.62
N LEU A 85 7.84 -2.34 -3.75
CA LEU A 85 8.60 -1.09 -3.74
C LEU A 85 7.56 -0.01 -4.02
N ASN A 86 7.07 0.61 -2.95
CA ASN A 86 6.01 1.63 -3.03
C ASN A 86 6.65 2.98 -3.35
N VAL A 87 6.42 3.47 -4.57
CA VAL A 87 6.95 4.75 -5.02
C VAL A 87 5.96 5.84 -4.65
N VAL A 88 6.41 6.75 -3.80
CA VAL A 88 5.57 7.79 -3.21
C VAL A 88 6.06 9.17 -3.64
N ASP A 89 5.16 10.00 -4.19
CA ASP A 89 5.49 11.37 -4.58
C ASP A 89 5.65 12.18 -3.32
N ALA A 90 6.90 12.50 -2.96
CA ALA A 90 7.19 13.26 -1.74
C ALA A 90 6.50 14.62 -1.66
N THR A 91 6.12 15.21 -2.79
CA THR A 91 5.45 16.53 -2.81
C THR A 91 3.93 16.46 -2.61
N ASN A 92 3.38 15.25 -2.60
N ASN A 92 3.40 15.24 -2.55
CA ASN A 92 1.94 15.03 -2.36
CA ASN A 92 1.97 14.97 -2.42
C ASN A 92 1.75 13.87 -1.38
C ASN A 92 1.77 13.85 -1.39
N LEU A 93 2.50 13.94 -0.28
CA LEU A 93 2.62 12.81 0.68
C LEU A 93 1.31 12.21 1.19
N GLU A 94 0.49 13.05 1.82
CA GLU A 94 -0.80 12.64 2.37
C GLU A 94 -1.67 11.84 1.39
N ARG A 95 -1.83 12.36 0.17
CA ARG A 95 -2.63 11.75 -0.88
C ARG A 95 -2.08 10.38 -1.26
N ASN A 96 -0.75 10.29 -1.42
CA ASN A 96 -0.07 9.06 -1.79
C ASN A 96 -0.14 7.95 -0.72
N LEU A 97 -0.16 8.33 0.56
CA LEU A 97 -0.15 7.37 1.68
C LEU A 97 -1.48 6.63 1.85
N TYR A 98 -2.54 7.13 1.26
CA TYR A 98 -3.80 6.42 1.25
C TYR A 98 -3.60 5.01 0.68
N LEU A 99 -2.99 4.93 -0.50
CA LEU A 99 -2.64 3.64 -1.10
C LEU A 99 -1.71 2.83 -0.21
N THR A 100 -0.66 3.48 0.30
CA THR A 100 0.35 2.85 1.15
C THR A 100 -0.28 2.04 2.28
N THR A 101 -1.27 2.60 2.96
CA THR A 101 -1.91 1.89 4.07
C THR A 101 -2.50 0.59 3.57
N GLN A 102 -3.12 0.59 2.39
CA GLN A 102 -3.72 -0.63 1.87
C GLN A 102 -2.65 -1.64 1.46
N LEU A 103 -1.52 -1.15 0.95
CA LEU A 103 -0.43 -2.02 0.52
C LEU A 103 0.18 -2.78 1.68
N ILE A 104 0.37 -2.07 2.79
CA ILE A 104 0.92 -2.67 4.01
C ILE A 104 0.02 -3.83 4.47
N GLU A 105 -1.29 -3.60 4.37
CA GLU A 105 -2.31 -4.60 4.75
C GLU A 105 -2.29 -5.88 3.94
N THR A 106 -1.74 -5.86 2.72
CA THR A 106 -1.60 -7.10 1.91
C THR A 106 -0.65 -8.11 2.53
N GLY A 107 0.20 -7.67 3.44
CA GLY A 107 1.20 -8.53 4.05
C GLY A 107 2.44 -8.77 3.22
N ILE A 108 2.48 -8.24 2.01
CA ILE A 108 3.69 -8.27 1.18
C ILE A 108 4.55 -7.11 1.71
N PRO A 109 5.79 -7.39 2.14
CA PRO A 109 6.51 -6.31 2.81
C PRO A 109 6.78 -5.10 1.94
N VAL A 110 6.48 -3.94 2.49
CA VAL A 110 6.57 -2.66 1.79
C VAL A 110 7.88 -1.96 2.14
N THR A 111 8.55 -1.44 1.10
CA THR A 111 9.66 -0.51 1.20
C THR A 111 9.23 0.75 0.43
N ILE A 112 9.43 1.93 1.01
CA ILE A 112 9.06 3.19 0.33
C ILE A 112 10.23 3.91 -0.37
N ALA A 113 10.09 4.14 -1.67
CA ALA A 113 10.95 5.08 -2.37
C ALA A 113 10.24 6.42 -2.26
N LEU A 114 10.78 7.32 -1.46
CA LEU A 114 10.18 8.66 -1.30
C LEU A 114 10.78 9.49 -2.41
N ASN A 115 10.10 9.47 -3.55
CA ASN A 115 10.63 9.97 -4.81
C ASN A 115 10.29 11.45 -5.03
N MET A 116 10.92 12.05 -6.05
CA MET A 116 10.80 13.49 -6.31
C MET A 116 11.27 14.32 -5.11
N ILE A 117 12.24 13.79 -4.38
CA ILE A 117 12.74 14.50 -3.21
C ILE A 117 13.43 15.81 -3.65
N ASP A 118 13.91 15.85 -4.89
CA ASP A 118 14.53 17.06 -5.45
C ASP A 118 13.53 18.23 -5.65
N VAL A 119 12.27 17.91 -5.92
CA VAL A 119 11.23 18.92 -6.03
C VAL A 119 10.91 19.46 -4.65
N LEU A 120 10.85 18.56 -3.66
CA LEU A 120 10.61 18.97 -2.28
C LEU A 120 11.76 19.89 -1.80
N ASP A 121 12.99 19.50 -2.11
CA ASP A 121 14.16 20.33 -1.78
C ASP A 121 14.06 21.73 -2.39
N GLY A 122 13.62 21.79 -3.66
CA GLY A 122 13.42 23.06 -4.37
C GLY A 122 12.25 23.91 -3.85
N GLN A 123 11.26 23.25 -3.25
CA GLN A 123 10.13 23.93 -2.60
C GLN A 123 10.50 24.58 -1.26
N GLY A 124 11.71 24.34 -0.77
CA GLY A 124 12.13 24.80 0.56
C GLY A 124 11.48 24.00 1.68
N LYS A 125 11.29 22.70 1.47
CA LYS A 125 10.65 21.83 2.45
C LYS A 125 11.45 20.56 2.70
N LYS A 126 11.16 19.91 3.83
CA LYS A 126 11.84 18.67 4.20
C LYS A 126 10.92 17.68 4.88
N ILE A 127 11.32 16.42 4.82
CA ILE A 127 10.59 15.33 5.43
C ILE A 127 11.58 14.59 6.32
N ASN A 128 11.16 14.32 7.56
CA ASN A 128 11.98 13.52 8.47
C ASN A 128 11.75 12.05 8.14
N VAL A 129 12.69 11.49 7.38
CA VAL A 129 12.60 10.13 6.84
C VAL A 129 12.59 9.06 7.93
N ASP A 130 13.40 9.24 8.96
CA ASP A 130 13.45 8.29 10.07
C ASP A 130 12.12 8.29 10.87
N LYS A 131 11.52 9.47 11.07
CA LYS A 131 10.22 9.57 11.76
C LYS A 131 9.10 8.97 10.92
N LEU A 132 9.07 9.30 9.63
CA LEU A 132 8.08 8.73 8.71
C LEU A 132 8.17 7.22 8.76
N SER A 133 9.39 6.69 8.66
CA SER A 133 9.62 5.24 8.69
C SER A 133 9.15 4.62 9.99
N TYR A 134 9.45 5.28 11.10
CA TYR A 134 9.10 4.74 12.41
C TYR A 134 7.58 4.61 12.57
N HIS A 135 6.87 5.68 12.25
CA HIS A 135 5.41 5.72 12.39
C HIS A 135 4.61 4.88 11.36
N LEU A 136 5.18 4.72 10.16
N LEU A 136 5.16 4.74 10.15
CA LEU A 136 4.56 3.91 9.12
CA LEU A 136 4.56 3.90 9.12
C LEU A 136 4.93 2.43 9.29
C LEU A 136 4.91 2.42 9.32
N GLY A 137 6.03 2.16 9.99
CA GLY A 137 6.48 0.79 10.23
C GLY A 137 7.09 0.12 9.01
N VAL A 138 7.63 0.91 8.10
CA VAL A 138 8.27 0.37 6.89
C VAL A 138 9.56 1.16 6.62
N PRO A 139 10.53 0.54 5.93
CA PRO A 139 11.71 1.30 5.53
C PRO A 139 11.38 2.37 4.50
N VAL A 140 12.07 3.50 4.61
CA VAL A 140 11.89 4.64 3.72
C VAL A 140 13.24 5.15 3.26
N VAL A 141 13.40 5.29 1.95
CA VAL A 141 14.60 5.86 1.33
C VAL A 141 14.18 7.01 0.43
N ALA A 142 14.80 8.18 0.64
CA ALA A 142 14.54 9.35 -0.19
C ALA A 142 15.23 9.13 -1.54
N THR A 143 14.51 9.28 -2.65
CA THR A 143 15.07 9.06 -3.98
C THR A 143 14.74 10.19 -4.95
N SER A 144 15.57 10.32 -5.98
CA SER A 144 15.27 11.18 -7.11
C SER A 144 15.72 10.46 -8.37
N ALA A 145 14.75 10.17 -9.25
CA ALA A 145 15.07 9.58 -10.54
C ALA A 145 15.75 10.61 -11.44
N LEU A 146 15.45 11.89 -11.24
CA LEU A 146 16.07 12.98 -11.98
C LEU A 146 17.55 13.14 -11.64
N LYS A 147 17.85 13.27 -10.36
CA LYS A 147 19.23 13.45 -9.91
C LYS A 147 19.96 12.10 -9.74
N GLN A 148 19.21 10.99 -9.86
CA GLN A 148 19.76 9.63 -9.70
C GLN A 148 20.37 9.41 -8.30
N THR A 149 19.63 9.79 -7.26
CA THR A 149 20.07 9.63 -5.89
C THR A 149 19.17 8.63 -5.17
N GLY A 150 19.76 7.81 -4.32
CA GLY A 150 19.01 6.89 -3.46
C GLY A 150 18.46 5.65 -4.11
N VAL A 151 18.68 5.48 -5.41
CA VAL A 151 18.00 4.44 -6.19
C VAL A 151 18.58 3.07 -5.86
N ASP A 152 19.90 2.92 -5.92
CA ASP A 152 20.54 1.64 -5.54
C ASP A 152 20.28 1.26 -4.08
N GLN A 153 20.17 2.25 -3.22
CA GLN A 153 19.92 2.04 -1.80
C GLN A 153 18.51 1.47 -1.54
N VAL A 154 17.50 2.05 -2.18
CA VAL A 154 16.14 1.57 -1.96
C VAL A 154 15.92 0.17 -2.53
N VAL A 155 16.54 -0.14 -3.67
CA VAL A 155 16.47 -1.51 -4.21
C VAL A 155 17.10 -2.52 -3.25
N LYS A 156 18.27 -2.18 -2.70
CA LYS A 156 18.92 -3.04 -1.74
C LYS A 156 18.04 -3.28 -0.52
N LYS A 157 17.42 -2.22 -0.03
CA LYS A 157 16.49 -2.33 1.10
C LYS A 157 15.32 -3.21 0.74
N ALA A 158 14.72 -2.99 -0.45
CA ALA A 158 13.57 -3.80 -0.88
C ALA A 158 13.95 -5.29 -0.96
N ALA A 159 15.13 -5.55 -1.50
CA ALA A 159 15.67 -6.91 -1.57
C ALA A 159 15.80 -7.54 -0.18
N HIS A 160 16.17 -6.73 0.81
CA HIS A 160 16.37 -7.19 2.19
C HIS A 160 15.07 -7.26 2.99
N THR A 161 14.03 -6.57 2.52
CA THR A 161 12.73 -6.46 3.18
C THR A 161 11.76 -7.31 2.38
N THR A 162 11.84 -8.63 2.60
CA THR A 162 11.03 -9.59 1.85
C THR A 162 10.09 -10.37 2.75
N THR A 163 9.11 -11.01 2.10
CA THR A 163 8.19 -11.94 2.75
C THR A 163 8.88 -13.15 3.43
N SER A 164 10.11 -13.45 3.03
CA SER A 164 10.91 -14.52 3.63
C SER A 164 11.83 -14.06 4.79
N THR A 165 12.27 -12.81 4.79
CA THR A 165 13.17 -12.29 5.83
C THR A 165 12.43 -11.57 6.96
N VAL A 166 11.33 -10.89 6.63
CA VAL A 166 10.54 -10.12 7.60
C VAL A 166 9.75 -11.08 8.50
N GLY A 167 9.79 -10.82 9.80
CA GLY A 167 9.10 -11.66 10.79
C GLY A 167 7.63 -11.29 10.88
N ASP A 168 7.22 -10.80 12.04
CA ASP A 168 5.83 -10.39 12.24
C ASP A 168 5.62 -8.97 11.68
N LEU A 169 4.67 -8.83 10.75
CA LEU A 169 4.42 -7.57 10.07
C LEU A 169 3.58 -6.59 10.92
N ALA A 170 3.96 -5.32 10.84
CA ALA A 170 3.34 -4.24 11.58
C ALA A 170 2.41 -3.50 10.64
N PHE A 171 1.12 -3.48 11.00
N PHE A 171 1.13 -3.46 10.98
CA PHE A 171 0.10 -2.84 10.19
CA PHE A 171 0.14 -2.81 10.14
C PHE A 171 -0.25 -1.48 10.80
C PHE A 171 -0.32 -1.52 10.80
N PRO A 172 -0.83 -0.56 10.00
CA PRO A 172 -1.42 0.64 10.60
C PRO A 172 -2.57 0.25 11.56
N ILE A 173 -2.50 0.72 12.79
CA ILE A 173 -3.51 0.41 13.82
C ILE A 173 -4.52 1.55 13.88
N TYR A 174 -5.79 1.20 13.68
CA TYR A 174 -6.89 2.16 13.71
C TYR A 174 -7.59 2.15 15.07
N ASP A 175 -8.60 3.01 15.19
CA ASP A 175 -9.53 3.05 16.33
C ASP A 175 -9.85 1.64 16.82
N ASP A 176 -9.66 1.38 18.12
N ASP A 176 -9.64 1.43 18.13
CA ASP A 176 -9.81 0.00 18.62
CA ASP A 176 -9.90 0.15 18.81
C ASP A 176 -11.22 -0.59 18.37
C ASP A 176 -11.19 -0.54 18.40
N ARG A 177 -12.23 0.26 18.21
CA ARG A 177 -13.58 -0.25 17.91
C ARG A 177 -13.62 -0.85 16.51
N LEU A 178 -12.82 -0.30 15.60
CA LEU A 178 -12.68 -0.90 14.25
C LEU A 178 -11.79 -2.14 14.31
N GLU A 179 -10.70 -2.08 15.06
CA GLU A 179 -9.84 -3.25 15.22
C GLU A 179 -10.61 -4.47 15.74
N ALA A 180 -11.54 -4.25 16.67
CA ALA A 180 -12.38 -5.32 17.20
C ALA A 180 -13.21 -5.99 16.08
N ALA A 181 -13.83 -5.18 15.24
CA ALA A 181 -14.63 -5.69 14.11
C ALA A 181 -13.72 -6.42 13.09
N ILE A 182 -12.55 -5.85 12.81
CA ILE A 182 -11.58 -6.53 11.93
C ILE A 182 -11.20 -7.92 12.45
N SER A 183 -10.93 -8.04 13.76
N SER A 183 -10.93 -8.02 13.75
CA SER A 183 -10.60 -9.33 14.37
CA SER A 183 -10.60 -9.29 14.40
C SER A 183 -11.74 -10.32 14.23
C SER A 183 -11.73 -10.30 14.26
N GLN A 184 -12.96 -9.84 14.42
CA GLN A 184 -14.15 -10.69 14.27
C GLN A 184 -14.30 -11.19 12.85
N ILE A 185 -14.08 -10.31 11.88
CA ILE A 185 -14.21 -10.69 10.48
C ILE A 185 -13.12 -11.71 10.11
N LEU A 186 -11.91 -11.50 10.63
CA LEU A 186 -10.82 -12.46 10.40
C LEU A 186 -11.17 -13.84 10.93
N GLU A 187 -11.81 -13.91 12.09
CA GLU A 187 -12.31 -15.18 12.63
C GLU A 187 -13.27 -15.86 11.66
N VAL A 188 -14.23 -15.09 11.15
CA VAL A 188 -15.22 -15.63 10.21
C VAL A 188 -14.61 -16.14 8.92
N LEU A 189 -13.65 -15.39 8.38
CA LEU A 189 -12.95 -15.77 7.14
C LEU A 189 -12.19 -17.09 7.24
N GLY A 190 -11.47 -17.31 8.33
CA GLY A 190 -10.68 -18.52 8.52
C GLY A 190 -9.73 -18.66 7.36
N ASN A 191 -9.68 -19.85 6.76
CA ASN A 191 -8.81 -20.09 5.60
C ASN A 191 -9.45 -19.75 4.24
N SER A 192 -10.56 -19.00 4.24
CA SER A 192 -11.20 -18.58 3.00
C SER A 192 -10.41 -17.51 2.23
N VAL A 193 -9.39 -16.92 2.87
CA VAL A 193 -8.46 -16.02 2.22
C VAL A 193 -7.01 -16.42 2.52
N PRO A 194 -6.05 -16.00 1.66
CA PRO A 194 -4.64 -16.28 1.94
C PRO A 194 -4.24 -15.66 3.29
N GLN A 195 -3.49 -16.40 4.10
CA GLN A 195 -3.16 -15.92 5.45
C GLN A 195 -2.39 -14.61 5.41
N ARG A 196 -1.42 -14.50 4.51
CA ARG A 196 -0.63 -13.28 4.43
C ARG A 196 -1.45 -11.98 4.25
N SER A 197 -2.47 -12.04 3.39
N SER A 197 -2.47 -12.04 3.40
CA SER A 197 -3.27 -10.87 3.04
CA SER A 197 -3.26 -10.88 3.04
C SER A 197 -4.61 -10.77 3.75
C SER A 197 -4.61 -10.79 3.73
N ALA A 198 -4.83 -11.58 4.79
CA ALA A 198 -6.14 -11.67 5.43
C ALA A 198 -6.65 -10.32 5.91
N ARG A 199 -5.78 -9.49 6.49
CA ARG A 199 -6.20 -8.19 7.00
C ARG A 199 -6.72 -7.28 5.90
N PHE A 200 -6.03 -7.27 4.75
CA PHE A 200 -6.50 -6.52 3.59
C PHE A 200 -7.94 -6.88 3.23
N TYR A 201 -8.21 -8.17 3.09
CA TYR A 201 -9.53 -8.65 2.71
C TYR A 201 -10.60 -8.37 3.79
N ALA A 202 -10.23 -8.53 5.05
CA ALA A 202 -11.18 -8.27 6.14
C ALA A 202 -11.63 -6.80 6.15
N ILE A 203 -10.70 -5.87 6.00
CA ILE A 203 -11.07 -4.47 5.96
C ILE A 203 -11.93 -4.18 4.72
N LYS A 204 -11.58 -4.77 3.56
CA LYS A 204 -12.39 -4.57 2.35
C LYS A 204 -13.83 -5.10 2.51
N LEU A 205 -13.97 -6.24 3.20
CA LEU A 205 -15.29 -6.77 3.50
C LEU A 205 -16.07 -5.82 4.42
N PHE A 206 -15.39 -5.25 5.41
CA PHE A 206 -16.05 -4.28 6.28
C PHE A 206 -16.56 -3.10 5.49
N GLU A 207 -15.75 -2.63 4.53
CA GLU A 207 -16.12 -1.53 3.66
C GLU A 207 -17.15 -1.95 2.60
N GLN A 208 -17.46 -3.24 2.52
CA GLN A 208 -18.41 -3.77 1.55
C GLN A 208 -17.94 -3.43 0.12
N ASP A 209 -16.65 -3.63 -0.10
CA ASP A 209 -16.02 -3.47 -1.40
C ASP A 209 -16.59 -4.49 -2.38
N SER A 210 -17.15 -4.02 -3.49
N SER A 210 -17.22 -4.02 -3.45
CA SER A 210 -17.75 -4.89 -4.51
CA SER A 210 -17.93 -4.90 -4.38
C SER A 210 -16.78 -5.92 -5.09
C SER A 210 -17.00 -5.85 -5.14
N LEU A 211 -15.61 -5.47 -5.53
N LEU A 211 -15.75 -5.45 -5.32
CA LEU A 211 -14.65 -6.37 -6.13
CA LEU A 211 -14.80 -6.30 -6.06
C LEU A 211 -14.35 -7.54 -5.20
C LEU A 211 -14.36 -7.49 -5.22
N VAL A 212 -13.99 -7.24 -3.96
CA VAL A 212 -13.61 -8.28 -3.01
C VAL A 212 -14.76 -9.24 -2.73
N GLU A 213 -15.96 -8.71 -2.52
CA GLU A 213 -17.15 -9.55 -2.32
C GLU A 213 -17.36 -10.53 -3.50
N ALA A 214 -17.16 -10.04 -4.73
CA ALA A 214 -17.27 -10.90 -5.92
C ALA A 214 -16.15 -11.95 -5.99
N GLU A 215 -14.91 -11.58 -5.66
CA GLU A 215 -13.77 -12.49 -5.77
C GLU A 215 -13.75 -13.64 -4.75
N LEU A 216 -14.20 -13.35 -3.52
CA LEU A 216 -14.19 -14.35 -2.47
C LEU A 216 -15.47 -15.14 -2.60
N ASP A 217 -15.38 -16.44 -2.44
CA ASP A 217 -16.54 -17.29 -2.64
C ASP A 217 -17.16 -17.59 -1.28
N LEU A 218 -17.57 -16.56 -0.54
CA LEU A 218 -17.92 -16.79 0.87
C LEU A 218 -19.25 -17.50 0.98
N SER A 219 -19.40 -18.30 2.03
CA SER A 219 -20.66 -19.00 2.27
C SER A 219 -21.72 -18.01 2.77
N GLN A 220 -22.98 -18.44 2.65
CA GLN A 220 -24.10 -17.68 3.17
C GLN A 220 -23.88 -17.43 4.65
N PHE A 221 -23.40 -18.46 5.34
CA PHE A 221 -23.13 -18.39 6.77
C PHE A 221 -22.12 -17.30 7.12
N GLN A 222 -20.97 -17.32 6.45
CA GLN A 222 -19.96 -16.28 6.63
C GLN A 222 -20.48 -14.86 6.32
N ARG A 223 -21.19 -14.74 5.21
N ARG A 223 -21.19 -14.74 5.21
CA ARG A 223 -21.75 -13.45 4.78
CA ARG A 223 -21.75 -13.46 4.77
C ARG A 223 -22.72 -12.89 5.81
C ARG A 223 -22.74 -12.89 5.77
N LYS A 224 -23.55 -13.76 6.39
CA LYS A 224 -24.52 -13.32 7.40
C LYS A 224 -23.82 -12.83 8.65
N GLU A 225 -22.80 -13.55 9.11
N GLU A 225 -22.80 -13.55 9.09
CA GLU A 225 -22.05 -13.11 10.29
CA GLU A 225 -22.02 -13.15 10.27
C GLU A 225 -21.28 -11.81 10.05
C GLU A 225 -21.27 -11.82 10.04
N ILE A 226 -20.70 -11.65 8.86
CA ILE A 226 -20.00 -10.39 8.52
C ILE A 226 -20.99 -9.21 8.47
N GLU A 227 -22.12 -9.42 7.81
CA GLU A 227 -23.19 -8.43 7.74
C GLU A 227 -23.59 -7.98 9.16
N ASP A 228 -23.75 -8.93 10.07
N ASP A 228 -23.74 -8.95 10.06
CA ASP A 228 -24.07 -8.65 11.47
CA ASP A 228 -24.03 -8.72 11.47
C ASP A 228 -22.95 -7.89 12.19
C ASP A 228 -22.96 -7.90 12.17
N ILE A 229 -21.69 -8.27 11.97
CA ILE A 229 -20.56 -7.56 12.59
C ILE A 229 -20.51 -6.09 12.14
N ILE A 230 -20.78 -5.85 10.86
CA ILE A 230 -20.75 -4.50 10.29
C ILE A 230 -21.89 -3.68 10.91
N ARG A 231 -23.10 -4.24 10.97
CA ARG A 231 -24.24 -3.53 11.57
C ARG A 231 -23.96 -3.11 13.00
N ILE A 232 -23.46 -4.04 13.83
CA ILE A 232 -23.15 -3.75 15.22
C ILE A 232 -22.11 -2.62 15.32
N THR A 233 -21.08 -2.69 14.49
CA THR A 233 -19.99 -1.71 14.55
C THR A 233 -20.44 -0.31 14.10
N GLU A 234 -21.31 -0.25 13.09
CA GLU A 234 -21.85 1.03 12.65
C GLU A 234 -22.64 1.72 13.79
N GLU A 235 -23.41 0.95 14.55
CA GLU A 235 -24.16 1.49 15.68
C GLU A 235 -23.21 2.02 16.74
N ILE A 236 -22.13 1.28 17.01
CA ILE A 236 -21.09 1.72 17.93
C ILE A 236 -20.43 3.02 17.49
N PHE A 237 -20.03 3.12 16.22
CA PHE A 237 -19.37 4.31 15.70
C PHE A 237 -20.31 5.49 15.43
N THR A 238 -21.62 5.22 15.35
CA THR A 238 -22.63 6.14 14.84
C THR A 238 -22.22 6.70 13.46
N GLU A 239 -21.80 5.81 12.54
N GLU A 239 -21.62 5.81 12.67
CA GLU A 239 -21.42 6.18 11.16
CA GLU A 239 -20.98 6.16 11.42
C GLU A 239 -21.57 4.97 10.21
C GLU A 239 -21.09 4.92 10.57
N ASP A 240 -21.64 5.19 8.88
N ASP A 240 -21.28 5.15 9.27
CA ASP A 240 -21.63 4.07 7.94
CA ASP A 240 -21.48 4.09 8.28
C ASP A 240 -20.22 3.45 7.84
C ASP A 240 -20.15 3.44 7.95
N ALA A 241 -20.18 2.16 7.55
CA ALA A 241 -18.93 1.37 7.42
C ALA A 241 -17.88 1.96 6.48
N GLU A 242 -18.32 2.39 5.30
CA GLU A 242 -17.43 2.93 4.29
C GLU A 242 -16.70 4.17 4.83
N SER A 243 -17.43 5.05 5.51
CA SER A 243 -16.83 6.26 6.07
C SER A 243 -15.94 5.96 7.27
N ILE A 244 -16.29 4.94 8.05
CA ILE A 244 -15.46 4.59 9.19
C ILE A 244 -14.04 4.30 8.69
N VAL A 245 -13.92 3.46 7.67
CA VAL A 245 -12.58 3.06 7.19
C VAL A 245 -11.84 4.25 6.55
N ILE A 246 -12.50 4.98 5.66
CA ILE A 246 -11.88 6.16 5.01
C ILE A 246 -11.35 7.15 6.05
N ASN A 247 -12.20 7.51 7.02
CA ASN A 247 -11.80 8.41 8.10
C ASN A 247 -10.67 7.86 8.98
N GLU A 248 -10.67 6.56 9.23
CA GLU A 248 -9.53 5.97 10.00
C GLU A 248 -8.21 5.97 9.23
N ARG A 249 -8.27 5.73 7.93
CA ARG A 249 -7.07 5.84 7.10
C ARG A 249 -6.54 7.28 7.08
N TYR A 250 -7.43 8.22 6.78
N TYR A 250 -7.39 8.26 6.81
CA TYR A 250 -7.12 9.65 6.81
CA TYR A 250 -6.91 9.63 6.78
C TYR A 250 -6.51 10.08 8.14
C TYR A 250 -6.58 10.20 8.15
N ALA A 251 -7.11 9.63 9.24
CA ALA A 251 -6.70 10.03 10.59
C ALA A 251 -5.31 9.48 10.88
N PHE A 252 -5.06 8.25 10.46
CA PHE A 252 -3.74 7.64 10.59
C PHE A 252 -2.66 8.41 9.82
N ILE A 253 -2.99 8.71 8.57
CA ILE A 253 -2.08 9.43 7.67
C ILE A 253 -1.77 10.82 8.23
N GLU A 254 -2.82 11.50 8.72
CA GLU A 254 -2.69 12.81 9.35
C GLU A 254 -1.64 12.81 10.46
N ARG A 255 -1.76 11.84 11.37
CA ARG A 255 -0.82 11.66 12.48
C ARG A 255 0.59 11.44 11.98
N VAL A 256 0.75 10.51 11.05
CA VAL A 256 2.07 10.18 10.53
C VAL A 256 2.71 11.38 9.82
N CYS A 257 1.91 12.13 9.06
CA CYS A 257 2.43 13.31 8.35
C CYS A 257 2.83 14.47 9.25
N GLN A 258 2.11 14.66 10.35
CA GLN A 258 2.51 15.70 11.32
C GLN A 258 3.81 15.28 12.05
N MET A 259 4.08 13.97 12.14
CA MET A 259 5.38 13.48 12.60
C MET A 259 6.47 13.64 11.51
N ALA A 260 6.09 13.42 10.25
CA ALA A 260 7.01 13.62 9.11
C ALA A 260 7.40 15.09 8.93
N GLU A 261 6.52 16.01 9.31
CA GLU A 261 6.79 17.45 9.29
C GLU A 261 7.59 17.92 10.51
N SER A 262 7.58 17.13 11.58
CA SER A 262 8.24 17.51 12.85
C SER A 262 9.77 17.47 12.74
N HIS A 263 10.40 18.62 12.97
CA HIS A 263 11.85 18.75 12.98
C HIS A 263 12.44 18.55 14.37
N THR A 264 11.65 18.82 15.42
CA THR A 264 12.10 18.73 16.81
C THR A 264 12.50 17.32 17.29
N GLU A 265 13.69 17.23 17.90
CA GLU A 265 14.26 15.97 18.40
C GLU A 265 13.38 15.37 19.51
N ASP A 266 13.26 14.05 19.52
CA ASP A 266 12.38 13.33 20.46
C ASP A 266 13.04 12.04 20.95
N1 GGM B . 12.18 14.15 -9.71
C2 GGM B . 11.55 14.93 -10.70
N2 GGM B . 11.66 16.27 -10.68
N3 GGM B . 10.82 14.31 -11.64
C4 GGM B . 10.68 12.97 -11.65
C5 GGM B . 11.29 12.15 -10.73
C6 GGM B . 12.05 12.75 -9.74
O6 GGM B . 12.60 12.05 -8.88
N7 GGM B . 10.96 10.88 -11.03
C8 GGM B . 10.18 10.89 -12.11
N9 GGM B . 10.03 12.17 -12.49
CA GGM B . 8.57 14.72 -15.95
OA GGM B . 9.29 15.51 -17.19
PA GGM B . 7.00 8.35 -14.79
PB GGM B . 4.98 6.72 -13.45
PG GGM B . 2.42 5.92 -14.62
C1' GGM B . 9.28 12.76 -13.57
O1A GGM B . 8.23 7.58 -14.58
O1B GGM B . 4.78 6.57 -11.96
O1G GGM B . 3.10 5.06 -15.63
C2' GGM B . 9.28 12.25 -14.94
O2' GGM B . 10.43 12.78 -15.69
O2A GGM B . 6.33 8.24 -16.12
O2B GGM B . 5.63 5.59 -14.16
O2G GGM B . 1.94 5.11 -13.29
C3' GGM B . 8.10 12.21 -15.79
O3' GGM B . 8.06 13.53 -16.42
O3A GGM B . 5.85 8.07 -13.61
N3B GGM B . 3.55 7.11 -14.21
O3G GGM B . 1.14 6.60 -15.28
C4' GGM B . 7.10 12.21 -14.57
O4' GGM B . 7.83 12.57 -13.31
C5' GGM B . 6.44 10.87 -14.27
O5' GGM B . 7.39 9.82 -14.42
CA1 GGM B . 8.38 15.60 -14.65
NA1 GGM B . 10.75 16.02 -14.42
CA2 GGM B . 9.49 16.18 -13.97
CA3 GGM B . 9.26 16.95 -12.80
CA4 GGM B . 7.96 17.15 -12.30
CA5 GGM B . 6.88 16.56 -12.98
CA6 GGM B . 7.09 15.79 -14.14
CAM GGM B . 11.73 17.14 -14.47
MG MG C . 4.97 4.36 -15.67
CL CL D . -6.90 3.65 -9.08
#